data_3VTE
#
_entry.id   3VTE
#
_cell.length_a   177.946
_cell.length_b   177.946
_cell.length_c   177.946
_cell.angle_alpha   90.00
_cell.angle_beta   90.00
_cell.angle_gamma   90.00
#
_symmetry.space_group_name_H-M   'P 4 3 2'
#
loop_
_entity.id
_entity.type
_entity.pdbx_description
1 polymer 'Tetrahydrocannabinolic acid synthase'
2 non-polymer 2-acetamido-2-deoxy-beta-D-glucopyranose
3 non-polymer 'FLAVIN-ADENINE DINUCLEOTIDE'
4 water water
#
_entity_poly.entity_id   1
_entity_poly.type   'polypeptide(L)'
_entity_poly.pdbx_seq_one_letter_code
;ANPRENFLKCFSKHIPNNVANPKLVYTQHDQLYMSILNSTIQNLRFISDTTPKPLVIVTPSNNSHIQATILCSKKVGLQI
RTRSGGHDAEGMSYISQVPFVVVDLRNMHSIKIDVHSQTAWVEAGATLGEVYYWINEKNENLSFPGGYCPTVGVGGHFSG
GGYGALMRNYGLAADNIIDAHLVNVDGKVLDRKSMGEDLFWAIRGGGGENFGIIAAWKIKLVAVPSKSTIFSVKKNMEIH
GLVKLFNKWQNIAYKYDKDLVLMTHFITKNITDNHGKNKTTVHGYFSSIFHGGVDSLVDLMNKSFPELGIKKTDCKEFSW
IDTTIFYSGVVNFNTANFKKEILLDRSAGKKTAFSIKLDYVKKPIPETAMVKILEKLYEEDVGAGMYVLYPYGGIMEEIS
ESAIPFPHRAGIMYELWYTASWEKQEDNEKHINWVRSVYNFTTPYVSQNPRLAYLNYRDLDLGKTNHASPNNYTQARIWG
EKYFGKNFNRLVKVKTKVDPNNFFRNEQSIPPLPPHHH
;
_entity_poly.pdbx_strand_id   A
#
# COMPACT_ATOMS: atom_id res chain seq x y z
N ALA A 1 27.01 -1.25 30.79
CA ALA A 1 25.87 -1.76 29.97
C ALA A 1 25.12 -0.61 29.15
N ASN A 2 25.35 -0.56 27.79
CA ASN A 2 24.61 0.31 26.80
C ASN A 2 24.00 -0.42 25.59
N PRO A 3 22.86 0.08 25.07
CA PRO A 3 21.99 -0.74 24.29
C PRO A 3 22.50 -1.13 22.95
N ARG A 4 23.20 -0.23 22.26
CA ARG A 4 23.73 -0.53 20.93
C ARG A 4 24.67 -1.72 21.03
N GLU A 5 25.62 -1.62 21.96
CA GLU A 5 26.66 -2.63 22.07
C GLU A 5 26.13 -3.86 22.74
N ASN A 6 25.19 -3.67 23.64
CA ASN A 6 24.57 -4.80 24.29
C ASN A 6 23.74 -5.56 23.29
N PHE A 7 23.10 -4.83 22.41
CA PHE A 7 22.34 -5.51 21.37
C PHE A 7 23.23 -6.40 20.56
N LEU A 8 24.37 -5.86 20.18
CA LEU A 8 25.22 -6.45 19.15
C LEU A 8 25.90 -7.66 19.65
N LYS A 9 26.25 -7.62 20.92
CA LYS A 9 26.73 -8.77 21.63
C LYS A 9 25.66 -9.81 21.69
N CYS A 10 24.47 -9.44 22.17
CA CYS A 10 23.41 -10.44 22.24
C CYS A 10 23.24 -11.07 20.89
N PHE A 11 23.20 -10.27 19.85
CA PHE A 11 23.01 -10.80 18.51
C PHE A 11 24.07 -11.80 18.12
N SER A 12 25.34 -11.41 18.26
CA SER A 12 26.48 -12.31 18.04
C SER A 12 26.40 -13.61 18.79
N LYS A 13 25.83 -13.53 19.98
CA LYS A 13 25.70 -14.66 20.87
C LYS A 13 24.76 -15.65 20.21
N HIS A 14 23.59 -15.15 19.77
CA HIS A 14 22.55 -15.99 19.16
C HIS A 14 23.02 -16.46 17.80
N ILE A 15 23.93 -15.71 17.20
CA ILE A 15 24.34 -15.96 15.85
C ILE A 15 25.78 -15.49 15.59
N PRO A 16 26.73 -16.45 15.69
CA PRO A 16 28.11 -16.21 15.26
C PRO A 16 28.27 -16.42 13.72
N ASN A 17 29.26 -15.73 13.11
CA ASN A 17 29.56 -15.74 11.62
C ASN A 17 28.96 -16.88 10.74
N PRO A 22 27.19 -12.89 5.37
CA PRO A 22 27.65 -11.53 5.15
C PRO A 22 27.46 -10.62 6.38
N LYS A 23 27.46 -9.31 6.11
CA LYS A 23 27.12 -8.32 7.10
C LYS A 23 25.66 -8.48 7.34
N LEU A 24 25.31 -8.36 8.61
CA LEU A 24 23.95 -8.43 9.03
C LEU A 24 23.64 -7.27 9.91
N VAL A 25 24.66 -6.61 10.47
CA VAL A 25 24.36 -5.47 11.34
C VAL A 25 25.07 -4.23 10.93
N TYR A 26 24.37 -3.12 10.93
CA TYR A 26 25.01 -1.90 10.63
C TYR A 26 24.79 -0.90 11.74
N THR A 27 25.84 -0.15 12.05
CA THR A 27 25.71 1.00 12.90
C THR A 27 26.28 2.19 12.17
N GLN A 28 25.93 3.37 12.66
CA GLN A 28 26.50 4.61 12.21
C GLN A 28 27.98 4.56 11.85
N HIS A 29 28.75 3.68 12.48
CA HIS A 29 30.18 3.58 12.16
C HIS A 29 30.49 2.94 10.81
N ASP A 30 29.52 2.18 10.31
CA ASP A 30 29.74 1.45 9.11
C ASP A 30 29.63 2.39 7.98
N GLN A 31 30.57 2.32 7.05
CA GLN A 31 30.46 3.17 5.87
C GLN A 31 29.10 3.09 5.15
N LEU A 32 28.43 1.95 5.18
CA LEU A 32 27.24 1.83 4.37
C LEU A 32 25.97 2.25 5.05
N TYR A 33 26.05 2.46 6.36
CA TYR A 33 24.87 2.82 7.12
C TYR A 33 23.95 3.77 6.36
N MET A 34 24.40 5.01 6.18
CA MET A 34 23.58 6.08 5.61
C MET A 34 22.87 5.70 4.33
N SER A 35 23.62 5.17 3.40
CA SER A 35 23.02 4.84 2.12
C SER A 35 22.17 3.60 2.20
N ILE A 36 22.41 2.73 3.18
CA ILE A 36 21.40 1.71 3.40
C ILE A 36 20.13 2.35 3.96
N LEU A 37 20.25 3.05 5.07
CA LEU A 37 19.13 3.72 5.71
C LEU A 37 18.31 4.40 4.68
N ASN A 38 18.99 5.26 3.93
CA ASN A 38 18.41 6.09 2.93
C ASN A 38 17.82 5.33 1.81
N SER A 39 18.45 4.21 1.43
CA SER A 39 18.25 3.58 0.09
C SER A 39 16.79 3.51 -0.17
N THR A 40 16.06 2.86 0.73
CA THR A 40 14.65 2.63 0.51
C THR A 40 13.69 3.55 1.29
N ILE A 41 14.13 4.73 1.74
CA ILE A 41 13.18 5.66 2.34
C ILE A 41 12.46 6.37 1.17
N GLN A 42 11.23 5.92 0.86
CA GLN A 42 10.51 6.37 -0.37
C GLN A 42 9.97 7.80 -0.38
N ASN A 43 9.61 8.33 0.78
CA ASN A 43 9.05 9.65 0.87
C ASN A 43 10.05 10.74 1.28
N LEU A 44 10.69 11.39 0.33
CA LEU A 44 11.72 12.40 0.70
C LEU A 44 11.38 13.36 1.90
N ARG A 45 10.10 13.65 2.13
CA ARG A 45 9.64 14.37 3.31
C ARG A 45 10.34 13.96 4.63
N PHE A 46 10.68 12.68 4.79
CA PHE A 46 11.32 12.18 6.02
C PHE A 46 12.84 11.97 5.89
N ILE A 47 13.46 12.75 5.03
CA ILE A 47 14.91 12.77 4.90
C ILE A 47 15.32 14.17 5.32
N SER A 48 15.61 14.31 6.61
CA SER A 48 16.27 15.53 7.10
C SER A 48 17.36 15.11 8.06
N ASP A 49 18.27 16.02 8.36
CA ASP A 49 19.21 15.81 9.47
C ASP A 49 18.47 15.65 10.84
N THR A 50 17.26 16.20 10.94
CA THR A 50 16.45 16.22 12.18
C THR A 50 15.86 14.81 12.51
N THR A 51 15.46 14.10 11.45
CA THR A 51 14.92 12.74 11.42
C THR A 51 15.70 11.77 12.31
N PRO A 52 15.02 11.13 13.28
CA PRO A 52 15.72 10.16 14.12
C PRO A 52 16.29 9.00 13.32
N LYS A 53 17.41 8.44 13.78
CA LYS A 53 18.09 7.36 13.06
C LYS A 53 18.22 6.19 14.01
N PRO A 54 18.20 4.98 13.51
CA PRO A 54 18.25 3.89 14.46
C PRO A 54 19.68 3.50 14.95
N LEU A 55 19.78 2.82 16.07
CA LEU A 55 21.09 2.58 16.63
C LEU A 55 21.76 1.52 15.84
N VAL A 56 20.94 0.65 15.28
CA VAL A 56 21.38 -0.46 14.45
C VAL A 56 20.38 -0.64 13.31
N ILE A 57 20.93 -0.96 12.13
CA ILE A 57 20.12 -1.58 11.12
C ILE A 57 20.52 -3.02 10.99
N VAL A 58 19.55 -3.91 10.94
CA VAL A 58 19.86 -5.29 10.59
C VAL A 58 19.20 -5.71 9.30
N THR A 59 19.91 -6.54 8.55
CA THR A 59 19.52 -6.95 7.22
C THR A 59 19.46 -8.48 7.17
N PRO A 60 18.48 -9.06 7.84
CA PRO A 60 18.49 -10.51 7.98
C PRO A 60 18.41 -11.25 6.64
N SER A 61 18.92 -12.47 6.60
CA SER A 61 18.74 -13.33 5.43
C SER A 61 18.23 -14.73 5.75
N ASN A 62 17.63 -14.88 6.93
CA ASN A 62 17.34 -16.19 7.51
C ASN A 62 16.38 -16.03 8.62
N ASN A 63 15.43 -16.92 8.75
CA ASN A 63 14.52 -16.77 9.88
C ASN A 63 15.26 -16.61 11.17
N SER A 64 16.39 -17.28 11.27
CA SER A 64 17.17 -17.24 12.50
C SER A 64 17.65 -15.81 12.88
N HIS A 65 17.78 -14.97 11.88
CA HIS A 65 18.28 -13.65 12.12
C HIS A 65 17.19 -12.82 12.75
N ILE A 66 15.96 -13.04 12.29
CA ILE A 66 14.83 -12.27 12.75
C ILE A 66 14.51 -12.60 14.22
N GLN A 67 14.62 -13.88 14.54
CA GLN A 67 14.37 -14.35 15.89
C GLN A 67 15.35 -13.65 16.82
N ALA A 68 16.62 -13.65 16.46
CA ALA A 68 17.62 -13.01 17.27
C ALA A 68 17.33 -11.52 17.55
N THR A 69 16.96 -10.77 16.50
CA THR A 69 16.75 -9.31 16.60
C THR A 69 15.63 -9.03 17.57
N ILE A 70 14.54 -9.77 17.37
CA ILE A 70 13.36 -9.67 18.22
C ILE A 70 13.71 -10.01 19.64
N LEU A 71 14.52 -11.05 19.80
CA LEU A 71 14.91 -11.44 21.13
C LEU A 71 15.82 -10.39 21.75
N CYS A 72 16.72 -9.84 20.96
CA CYS A 72 17.75 -9.01 21.55
C CYS A 72 17.21 -7.62 21.83
N SER A 73 16.24 -7.21 21.03
CA SER A 73 15.66 -5.90 21.27
C SER A 73 14.81 -6.01 22.48
N LYS A 74 14.07 -7.09 22.60
CA LYS A 74 13.37 -7.37 23.86
C LYS A 74 14.34 -7.24 25.02
N LYS A 75 15.47 -7.94 25.01
CA LYS A 75 16.36 -7.86 26.12
C LYS A 75 16.94 -6.48 26.36
N VAL A 76 17.58 -5.87 25.38
CA VAL A 76 18.18 -4.56 25.65
C VAL A 76 17.21 -3.41 25.69
N GLY A 77 15.97 -3.57 25.23
CA GLY A 77 15.01 -2.45 25.34
C GLY A 77 14.95 -1.47 24.18
N LEU A 78 15.21 -1.98 23.00
CA LEU A 78 15.07 -1.22 21.78
C LEU A 78 13.76 -1.56 21.11
N GLN A 79 13.25 -0.64 20.32
CA GLN A 79 12.03 -0.89 19.58
C GLN A 79 12.35 -1.29 18.13
N ILE A 80 11.60 -2.24 17.57
CA ILE A 80 11.77 -2.57 16.15
C ILE A 80 10.81 -1.85 15.19
N ARG A 81 11.35 -1.35 14.08
CA ARG A 81 10.55 -0.94 12.92
C ARG A 81 11.04 -1.78 11.78
N THR A 82 10.14 -2.57 11.19
CA THR A 82 10.49 -3.43 10.05
C THR A 82 10.31 -2.63 8.76
N ARG A 83 11.28 -2.75 7.85
CA ARG A 83 11.13 -2.11 6.57
C ARG A 83 11.18 -3.15 5.50
N SER A 84 10.22 -3.14 4.60
CA SER A 84 10.29 -4.08 3.53
C SER A 84 10.58 -3.38 2.21
N GLY A 85 9.66 -2.52 1.75
CA GLY A 85 9.91 -1.76 0.53
C GLY A 85 10.15 -0.30 0.84
N GLY A 86 9.92 0.07 2.10
CA GLY A 86 10.03 1.47 2.52
C GLY A 86 9.00 2.49 2.05
N HIS A 87 7.86 2.04 1.55
CA HIS A 87 6.87 2.96 1.04
C HIS A 87 5.89 3.58 2.00
N ASP A 88 6.01 3.35 3.31
CA ASP A 88 5.09 3.96 4.25
C ASP A 88 4.82 5.43 3.97
N ALA A 89 3.55 5.80 3.99
CA ALA A 89 3.15 7.15 3.71
C ALA A 89 3.63 8.13 4.79
N GLU A 90 4.03 7.58 5.92
CA GLU A 90 4.37 8.39 7.07
C GLU A 90 5.71 8.01 7.62
N GLY A 91 6.50 7.27 6.85
CA GLY A 91 7.83 6.82 7.26
C GLY A 91 7.85 5.89 8.44
N MET A 92 6.73 5.30 8.76
CA MET A 92 6.63 4.55 9.99
C MET A 92 7.47 3.26 10.10
N SER A 93 8.10 2.89 8.98
CA SER A 93 8.96 1.72 8.90
C SER A 93 10.42 2.06 9.15
N TYR A 94 10.73 3.34 9.27
CA TYR A 94 12.13 3.73 9.49
C TYR A 94 12.33 4.90 10.45
N ILE A 95 11.25 5.44 10.97
CA ILE A 95 11.40 6.42 12.02
C ILE A 95 10.78 6.01 13.36
N SER A 96 11.48 6.33 14.46
CA SER A 96 10.87 6.20 15.79
C SER A 96 11.24 7.33 16.75
N GLN A 97 10.38 7.54 17.73
CA GLN A 97 10.62 8.57 18.69
C GLN A 97 11.54 8.03 19.77
N VAL A 98 11.58 6.73 19.93
CA VAL A 98 12.45 6.13 20.94
C VAL A 98 13.62 5.41 20.26
N PRO A 99 14.70 5.15 21.02
CA PRO A 99 15.80 4.31 20.50
C PRO A 99 15.27 3.03 19.85
N PHE A 100 15.73 2.79 18.64
CA PHE A 100 15.12 1.76 17.81
C PHE A 100 16.08 1.20 16.77
N VAL A 101 15.69 0.09 16.20
CA VAL A 101 16.50 -0.54 15.18
C VAL A 101 15.55 -0.73 14.03
N VAL A 102 16.00 -0.48 12.81
CA VAL A 102 15.22 -0.98 11.66
C VAL A 102 15.71 -2.34 11.14
N VAL A 103 14.76 -3.25 10.90
CA VAL A 103 15.01 -4.59 10.34
C VAL A 103 14.74 -4.54 8.84
N ASP A 104 15.75 -4.25 8.04
CA ASP A 104 15.53 -4.12 6.64
C ASP A 104 15.60 -5.52 6.05
N LEU A 105 14.54 -5.90 5.36
CA LEU A 105 14.36 -7.26 4.84
C LEU A 105 14.86 -7.49 3.44
N ARG A 106 15.62 -6.54 2.90
CA ARG A 106 16.07 -6.63 1.51
C ARG A 106 16.84 -7.92 1.19
N ASN A 107 17.38 -8.60 2.20
CA ASN A 107 18.12 -9.82 1.88
C ASN A 107 17.29 -11.09 1.83
N MET A 108 16.00 -10.90 2.04
CA MET A 108 15.10 -12.01 2.09
C MET A 108 13.99 -11.75 1.08
N HIS A 109 14.37 -11.97 -0.16
CA HIS A 109 13.52 -11.62 -1.27
C HIS A 109 13.38 -12.81 -2.20
N SER A 110 13.61 -14.02 -1.68
CA SER A 110 13.54 -15.21 -2.51
C SER A 110 12.10 -15.39 -2.98
N ILE A 111 11.94 -15.82 -4.26
CA ILE A 111 10.62 -16.02 -4.87
C ILE A 111 10.53 -17.33 -5.63
N LYS A 112 9.77 -18.28 -5.08
CA LYS A 112 9.75 -19.69 -5.52
C LYS A 112 8.41 -20.17 -6.09
N ILE A 113 8.33 -20.26 -7.39
CA ILE A 113 7.06 -20.51 -8.01
C ILE A 113 6.89 -21.98 -8.31
N ASP A 114 5.76 -22.56 -7.92
CA ASP A 114 5.39 -23.88 -8.40
C ASP A 114 4.38 -23.79 -9.52
N VAL A 115 4.90 -23.87 -10.74
CA VAL A 115 4.08 -23.60 -11.93
C VAL A 115 2.86 -24.47 -12.05
N HIS A 116 2.91 -25.68 -11.46
CA HIS A 116 1.90 -26.70 -11.69
C HIS A 116 0.77 -26.54 -10.71
N SER A 117 1.10 -26.25 -9.46
CA SER A 117 0.10 -26.08 -8.41
C SER A 117 -0.36 -24.62 -8.34
N GLN A 118 0.41 -23.76 -9.01
CA GLN A 118 0.05 -22.35 -9.16
C GLN A 118 0.13 -21.56 -7.85
N THR A 119 1.14 -21.90 -7.06
CA THR A 119 1.40 -21.21 -5.83
C THR A 119 2.85 -20.79 -5.85
N ALA A 120 3.22 -19.92 -4.90
CA ALA A 120 4.57 -19.44 -4.80
C ALA A 120 4.88 -19.03 -3.36
N TRP A 121 6.13 -19.25 -2.98
CA TRP A 121 6.59 -18.81 -1.69
C TRP A 121 7.41 -17.56 -1.88
N VAL A 122 6.85 -16.43 -1.46
CA VAL A 122 7.53 -15.14 -1.59
C VAL A 122 7.98 -14.56 -0.27
N GLU A 123 9.30 -14.37 -0.10
CA GLU A 123 9.82 -13.84 1.15
C GLU A 123 9.41 -12.40 1.28
N ALA A 124 9.39 -11.96 2.52
CA ALA A 124 8.88 -10.64 2.90
C ALA A 124 9.56 -9.41 2.29
N GLY A 125 10.83 -9.53 1.89
CA GLY A 125 11.57 -8.41 1.30
C GLY A 125 11.48 -8.31 -0.22
N ALA A 126 10.70 -9.15 -0.88
CA ALA A 126 10.62 -9.02 -2.32
C ALA A 126 9.66 -7.87 -2.63
N THR A 127 9.67 -7.40 -3.88
CA THR A 127 8.84 -6.26 -4.28
C THR A 127 7.81 -6.69 -5.33
N LEU A 128 6.63 -6.06 -5.38
CA LEU A 128 5.65 -6.41 -6.43
C LEU A 128 6.33 -6.67 -7.76
N GLY A 129 7.06 -5.66 -8.21
CA GLY A 129 7.78 -5.73 -9.45
C GLY A 129 8.34 -7.13 -9.69
N GLU A 130 9.17 -7.57 -8.75
CA GLU A 130 9.78 -8.88 -8.82
C GLU A 130 8.71 -9.96 -8.89
N VAL A 131 7.73 -9.89 -8.02
CA VAL A 131 6.74 -10.94 -8.00
C VAL A 131 6.11 -11.05 -9.37
N TYR A 132 5.72 -9.90 -9.91
CA TYR A 132 5.12 -9.86 -11.24
C TYR A 132 6.02 -10.45 -12.27
N TYR A 133 7.28 -10.10 -12.18
CA TYR A 133 8.19 -10.43 -13.22
C TYR A 133 8.37 -11.93 -13.26
N TRP A 134 8.74 -12.46 -12.11
CA TRP A 134 9.12 -13.84 -12.07
C TRP A 134 7.92 -14.75 -12.27
N ILE A 135 6.73 -14.26 -11.97
CA ILE A 135 5.60 -15.09 -12.29
C ILE A 135 5.45 -15.17 -13.80
N ASN A 136 5.51 -14.02 -14.44
CA ASN A 136 5.32 -13.95 -15.85
C ASN A 136 6.39 -14.76 -16.59
N GLU A 137 7.62 -14.81 -16.05
CA GLU A 137 8.68 -15.58 -16.71
C GLU A 137 8.36 -17.06 -16.76
N LYS A 138 7.72 -17.53 -15.71
CA LYS A 138 7.35 -18.90 -15.64
C LYS A 138 6.09 -19.17 -16.47
N ASN A 139 5.22 -18.17 -16.67
CA ASN A 139 3.99 -18.32 -17.43
C ASN A 139 3.28 -17.02 -17.77
N GLU A 140 3.21 -16.65 -19.04
CA GLU A 140 2.59 -15.38 -19.49
C GLU A 140 1.13 -15.18 -19.08
N ASN A 141 0.44 -16.29 -18.76
CA ASN A 141 -1.01 -16.34 -18.49
C ASN A 141 -1.25 -16.38 -16.98
N LEU A 142 -0.19 -16.15 -16.22
CA LEU A 142 -0.32 -16.04 -14.79
C LEU A 142 0.17 -14.70 -14.23
N SER A 143 -0.31 -14.40 -13.03
CA SER A 143 0.11 -13.22 -12.28
C SER A 143 -0.40 -13.28 -10.86
N PHE A 144 -0.45 -12.11 -10.22
CA PHE A 144 -1.01 -12.02 -8.90
C PHE A 144 -1.68 -10.65 -8.62
N PRO A 145 -2.80 -10.65 -7.90
CA PRO A 145 -3.50 -9.38 -7.65
C PRO A 145 -2.77 -8.49 -6.66
N GLY A 146 -2.47 -7.26 -7.04
CA GLY A 146 -1.66 -6.37 -6.21
C GLY A 146 -1.56 -4.94 -6.72
N GLY A 147 -0.79 -4.13 -6.01
CA GLY A 147 -0.71 -2.71 -6.31
C GLY A 147 -0.13 -2.44 -7.68
N TYR A 148 -0.23 -1.19 -8.12
CA TYR A 148 0.41 -0.78 -9.37
C TYR A 148 1.96 -0.55 -9.27
N CYS A 149 2.48 -0.02 -8.16
CA CYS A 149 3.90 0.34 -8.04
C CYS A 149 4.82 -0.87 -7.87
N PRO A 150 5.73 -1.10 -8.80
CA PRO A 150 6.64 -2.24 -8.71
C PRO A 150 7.57 -2.26 -7.51
N THR A 151 7.92 -1.08 -6.99
CA THR A 151 8.84 -1.02 -5.87
C THR A 151 8.20 -1.12 -4.50
N VAL A 152 6.89 -1.22 -4.43
CA VAL A 152 6.25 -1.52 -3.16
C VAL A 152 6.70 -2.89 -2.69
N GLY A 153 7.15 -2.97 -1.44
CA GLY A 153 7.47 -4.22 -0.79
C GLY A 153 6.27 -5.03 -0.33
N VAL A 154 6.40 -6.35 -0.38
CA VAL A 154 5.27 -7.24 -0.08
C VAL A 154 4.96 -7.36 1.42
N GLY A 155 5.96 -7.20 2.29
CA GLY A 155 5.67 -7.08 3.73
C GLY A 155 4.63 -5.99 4.11
N GLY A 156 4.88 -4.76 3.71
CA GLY A 156 3.87 -3.75 4.00
C GLY A 156 2.61 -3.89 3.16
N HIS A 157 2.79 -4.33 1.92
CA HIS A 157 1.71 -4.28 1.00
C HIS A 157 0.70 -5.32 1.33
N PHE A 158 1.14 -6.57 1.44
CA PHE A 158 0.19 -7.63 1.63
C PHE A 158 -0.43 -7.53 3.03
N SER A 159 0.36 -7.17 4.05
CA SER A 159 -0.16 -7.25 5.40
C SER A 159 -1.17 -6.15 5.62
N GLY A 160 -1.13 -5.16 4.71
CA GLY A 160 -2.05 -4.05 4.68
C GLY A 160 -3.21 -4.19 3.69
N GLY A 161 -3.40 -5.39 3.13
CA GLY A 161 -4.41 -5.60 2.12
C GLY A 161 -3.80 -5.58 0.74
N GLY A 162 -3.62 -4.37 0.19
CA GLY A 162 -2.93 -4.23 -1.10
C GLY A 162 -3.76 -4.59 -2.30
N TYR A 163 -3.94 -3.64 -3.23
CA TYR A 163 -4.68 -3.94 -4.48
C TYR A 163 -4.47 -3.01 -5.64
N GLY A 164 -4.86 -3.52 -6.80
CA GLY A 164 -4.71 -2.80 -8.04
C GLY A 164 -5.62 -3.28 -9.15
N ALA A 165 -5.02 -3.56 -10.29
CA ALA A 165 -5.73 -3.82 -11.52
C ALA A 165 -6.67 -5.00 -11.46
N LEU A 166 -6.22 -6.07 -10.80
CA LEU A 166 -7.03 -7.26 -10.69
C LEU A 166 -8.06 -7.18 -9.57
N MET A 167 -8.13 -6.06 -8.87
CA MET A 167 -9.04 -6.00 -7.74
C MET A 167 -10.45 -6.52 -8.07
N ARG A 168 -11.02 -6.06 -9.18
CA ARG A 168 -12.42 -6.34 -9.45
C ARG A 168 -12.64 -7.79 -9.82
N ASN A 169 -11.56 -8.45 -10.25
CA ASN A 169 -11.62 -9.85 -10.65
C ASN A 169 -11.36 -10.82 -9.54
N TYR A 170 -10.36 -10.54 -8.73
CA TYR A 170 -9.96 -11.46 -7.69
C TYR A 170 -9.79 -10.87 -6.27
N GLY A 171 -9.89 -9.57 -6.09
CA GLY A 171 -9.72 -9.01 -4.76
C GLY A 171 -8.36 -8.43 -4.39
N LEU A 172 -8.02 -8.48 -3.10
CA LEU A 172 -6.80 -7.83 -2.65
C LEU A 172 -5.78 -8.89 -2.57
N ALA A 173 -4.51 -8.55 -2.76
CA ALA A 173 -3.47 -9.55 -2.50
C ALA A 173 -3.75 -10.29 -1.19
N ALA A 174 -4.08 -9.60 -0.10
CA ALA A 174 -4.45 -10.34 1.14
C ALA A 174 -5.57 -11.41 0.94
N ASP A 175 -6.45 -11.20 -0.03
CA ASP A 175 -7.48 -12.17 -0.30
C ASP A 175 -6.97 -13.45 -0.93
N ASN A 176 -5.73 -13.42 -1.39
CA ASN A 176 -5.18 -14.53 -2.13
C ASN A 176 -3.93 -15.06 -1.49
N ILE A 177 -3.93 -15.10 -0.15
CA ILE A 177 -2.79 -15.62 0.56
C ILE A 177 -3.17 -16.91 1.25
N ILE A 178 -2.33 -17.93 1.05
CA ILE A 178 -2.57 -19.32 1.41
C ILE A 178 -1.94 -19.67 2.72
N ASP A 179 -0.75 -19.14 2.95
CA ASP A 179 0.04 -19.41 4.16
C ASP A 179 1.01 -18.24 4.34
N ALA A 180 1.71 -18.22 5.47
CA ALA A 180 2.76 -17.26 5.75
C ALA A 180 3.70 -17.80 6.82
N HIS A 181 4.86 -17.18 6.98
CA HIS A 181 5.80 -17.48 8.04
C HIS A 181 5.98 -16.23 8.83
N LEU A 182 5.78 -16.29 10.13
CA LEU A 182 5.75 -15.14 11.00
C LEU A 182 6.51 -15.36 12.27
N VAL A 183 7.20 -14.33 12.71
CA VAL A 183 7.91 -14.42 13.94
C VAL A 183 7.28 -13.50 14.94
N ASN A 184 6.96 -14.07 16.10
CA ASN A 184 6.22 -13.36 17.14
C ASN A 184 7.08 -12.77 18.22
N VAL A 185 6.43 -12.22 19.22
CA VAL A 185 7.11 -11.50 20.26
C VAL A 185 8.05 -12.41 21.05
N ASP A 186 7.94 -13.73 20.88
CA ASP A 186 8.74 -14.71 21.62
C ASP A 186 9.75 -15.33 20.71
N GLY A 187 9.87 -14.75 19.54
CA GLY A 187 10.88 -15.15 18.62
C GLY A 187 10.65 -16.50 18.04
N LYS A 188 9.42 -17.00 18.09
CA LYS A 188 9.09 -18.26 17.41
C LYS A 188 8.85 -18.00 15.95
N VAL A 189 9.15 -18.99 15.11
CA VAL A 189 8.69 -18.97 13.72
C VAL A 189 7.46 -19.82 13.54
N LEU A 190 6.46 -19.21 12.91
CA LEU A 190 5.15 -19.78 12.84
C LEU A 190 4.65 -19.85 11.40
N ASP A 191 4.23 -21.03 10.97
CA ASP A 191 3.38 -21.17 9.75
C ASP A 191 1.91 -20.96 10.11
N ARG A 192 1.02 -20.97 9.12
CA ARG A 192 -0.41 -20.82 9.35
C ARG A 192 -0.97 -21.82 10.34
N LYS A 193 -0.68 -23.08 10.06
CA LYS A 193 -0.91 -24.19 10.96
C LYS A 193 -0.61 -23.81 12.39
N SER A 194 0.62 -23.38 12.67
CA SER A 194 1.01 -23.15 14.06
C SER A 194 0.57 -21.81 14.56
N MET A 195 0.40 -20.87 13.65
CA MET A 195 -0.10 -19.51 13.95
C MET A 195 -1.50 -19.53 14.53
N GLY A 196 -2.33 -20.44 14.01
CA GLY A 196 -3.75 -20.49 14.27
C GLY A 196 -4.49 -19.47 13.43
N GLU A 197 -5.78 -19.72 13.19
CA GLU A 197 -6.52 -18.88 12.25
C GLU A 197 -6.70 -17.40 12.60
N ASP A 198 -6.95 -17.06 13.88
CA ASP A 198 -6.98 -15.65 14.27
C ASP A 198 -5.76 -14.84 13.79
N LEU A 199 -4.55 -15.28 14.14
CA LEU A 199 -3.35 -14.58 13.70
C LEU A 199 -3.15 -14.62 12.18
N PHE A 200 -3.48 -15.73 11.55
CA PHE A 200 -3.43 -15.74 10.11
C PHE A 200 -4.41 -14.77 9.50
N TRP A 201 -5.55 -14.58 10.18
CA TRP A 201 -6.54 -13.66 9.68
C TRP A 201 -5.99 -12.26 9.85
N ALA A 202 -5.42 -12.02 11.04
CA ALA A 202 -4.95 -10.71 11.42
C ALA A 202 -3.91 -10.18 10.48
N ILE A 203 -2.89 -10.97 10.16
CA ILE A 203 -1.80 -10.46 9.37
C ILE A 203 -2.22 -10.13 7.97
N ARG A 204 -3.35 -10.67 7.54
CA ARG A 204 -3.84 -10.41 6.21
C ARG A 204 -4.63 -9.12 6.14
N GLY A 205 -4.00 -8.00 6.45
CA GLY A 205 -4.63 -6.73 6.12
C GLY A 205 -4.86 -5.88 7.33
N GLY A 206 -4.59 -6.48 8.49
CA GLY A 206 -4.60 -5.78 9.78
C GLY A 206 -3.28 -5.09 10.12
N GLY A 207 -2.33 -5.10 9.19
CA GLY A 207 -0.99 -4.58 9.46
C GLY A 207 -0.05 -5.51 10.23
N GLY A 208 0.92 -6.07 9.51
CA GLY A 208 1.88 -6.96 10.13
C GLY A 208 2.63 -6.27 11.26
N GLU A 209 2.81 -4.97 11.17
CA GLU A 209 3.60 -4.24 12.15
C GLU A 209 2.99 -4.28 13.57
N ASN A 210 1.74 -4.73 13.66
CA ASN A 210 1.02 -4.83 14.92
C ASN A 210 1.22 -6.15 15.65
N PHE A 211 1.64 -7.19 14.92
CA PHE A 211 1.66 -8.54 15.43
C PHE A 211 3.01 -9.20 15.38
N GLY A 212 3.84 -8.81 14.43
CA GLY A 212 5.16 -9.42 14.37
C GLY A 212 6.01 -8.98 13.20
N ILE A 213 6.95 -9.84 12.84
CA ILE A 213 7.66 -9.71 11.58
C ILE A 213 7.30 -10.92 10.73
N ILE A 214 6.59 -10.64 9.65
CA ILE A 214 6.34 -11.63 8.64
C ILE A 214 7.67 -11.93 8.00
N ALA A 215 7.95 -13.19 7.71
CA ALA A 215 9.15 -13.52 6.93
C ALA A 215 8.86 -13.96 5.49
N ALA A 216 7.72 -14.61 5.26
CA ALA A 216 7.37 -15.11 3.94
C ALA A 216 5.88 -15.16 3.80
N TRP A 217 5.41 -14.94 2.57
CA TRP A 217 4.02 -15.28 2.23
C TRP A 217 3.96 -16.49 1.33
N LYS A 218 2.88 -17.27 1.42
CA LYS A 218 2.53 -18.25 0.40
C LYS A 218 1.40 -17.64 -0.41
N ILE A 219 1.53 -17.71 -1.71
CA ILE A 219 0.71 -16.93 -2.57
C ILE A 219 0.05 -17.82 -3.56
N LYS A 220 -1.22 -17.59 -3.87
CA LYS A 220 -1.92 -18.41 -4.87
C LYS A 220 -2.15 -17.60 -6.16
N LEU A 221 -1.54 -17.99 -7.28
CA LEU A 221 -1.54 -17.17 -8.47
C LEU A 221 -2.86 -17.22 -9.19
N VAL A 222 -3.15 -16.15 -9.92
CA VAL A 222 -4.43 -16.02 -10.61
C VAL A 222 -4.26 -15.89 -12.10
N ALA A 223 -5.33 -16.22 -12.81
CA ALA A 223 -5.29 -16.30 -14.27
C ALA A 223 -5.34 -14.92 -14.83
N VAL A 224 -4.70 -14.74 -15.98
CA VAL A 224 -4.58 -13.40 -16.53
C VAL A 224 -4.58 -13.50 -18.06
N PRO A 225 -5.38 -12.66 -18.75
CA PRO A 225 -5.50 -12.82 -20.22
C PRO A 225 -4.21 -12.51 -20.94
N SER A 226 -3.85 -13.35 -21.90
CA SER A 226 -2.71 -13.06 -22.77
C SER A 226 -2.87 -11.78 -23.60
N LYS A 227 -4.06 -11.21 -23.71
CA LYS A 227 -4.09 -9.84 -24.25
C LYS A 227 -5.15 -8.97 -23.61
N SER A 228 -4.76 -7.79 -23.22
CA SER A 228 -5.71 -6.94 -22.62
C SER A 228 -5.66 -5.70 -23.45
N THR A 229 -6.72 -4.90 -23.41
CA THR A 229 -6.72 -3.70 -24.20
C THR A 229 -6.70 -2.46 -23.31
N ILE A 230 -5.84 -1.52 -23.69
CA ILE A 230 -5.59 -0.31 -22.94
C ILE A 230 -5.79 0.85 -23.87
N PHE A 231 -6.61 1.81 -23.46
CA PHE A 231 -6.50 3.12 -23.97
C PHE A 231 -6.33 4.02 -22.77
N SER A 232 -5.94 5.25 -23.05
CA SER A 232 -5.74 6.19 -21.98
C SER A 232 -5.82 7.57 -22.63
N VAL A 233 -6.95 8.23 -22.43
CA VAL A 233 -7.24 9.39 -23.26
C VAL A 233 -7.31 10.70 -22.49
N LYS A 234 -6.74 11.73 -23.11
CA LYS A 234 -6.59 13.07 -22.57
C LYS A 234 -7.87 13.91 -22.75
N LYS A 235 -8.21 14.71 -21.76
CA LYS A 235 -9.43 15.50 -21.85
C LYS A 235 -9.26 16.80 -21.10
N ASN A 236 -8.92 17.86 -21.82
CA ASN A 236 -8.59 19.17 -21.24
C ASN A 236 -9.56 20.27 -21.65
N MET A 237 -10.80 19.90 -21.91
CA MET A 237 -11.84 20.89 -22.16
C MET A 237 -12.19 21.75 -20.96
N GLU A 238 -13.10 22.66 -21.23
CA GLU A 238 -13.57 23.56 -20.24
C GLU A 238 -14.11 22.78 -19.04
N ILE A 239 -13.91 23.38 -17.88
CA ILE A 239 -14.12 22.71 -16.63
C ILE A 239 -15.47 21.99 -16.48
N HIS A 240 -16.56 22.57 -16.97
CA HIS A 240 -17.90 21.95 -16.83
C HIS A 240 -18.13 20.76 -17.70
N GLY A 241 -17.61 20.87 -18.92
CA GLY A 241 -17.73 19.82 -19.92
C GLY A 241 -17.01 18.64 -19.33
N LEU A 242 -15.92 18.91 -18.60
CA LEU A 242 -15.09 17.87 -18.00
C LEU A 242 -15.84 17.05 -16.97
N VAL A 243 -16.54 17.74 -16.06
CA VAL A 243 -17.26 17.07 -15.00
C VAL A 243 -18.48 16.37 -15.56
N LYS A 244 -18.96 16.84 -16.70
CA LYS A 244 -20.08 16.17 -17.34
C LYS A 244 -19.66 14.72 -17.64
N LEU A 245 -18.39 14.57 -17.99
CA LEU A 245 -17.81 13.27 -18.24
C LEU A 245 -17.56 12.57 -16.93
N PHE A 246 -16.96 13.27 -15.98
CA PHE A 246 -16.78 12.69 -14.67
C PHE A 246 -18.08 12.07 -14.12
N ASN A 247 -19.14 12.87 -14.09
CA ASN A 247 -20.41 12.41 -13.53
C ASN A 247 -20.86 11.11 -14.18
N LYS A 248 -20.66 11.00 -15.49
CA LYS A 248 -21.10 9.83 -16.18
C LYS A 248 -20.24 8.68 -15.75
N TRP A 249 -18.93 8.89 -15.71
CA TRP A 249 -17.98 7.85 -15.30
C TRP A 249 -18.36 7.34 -13.91
N GLN A 250 -18.69 8.28 -13.05
CA GLN A 250 -18.96 8.01 -11.67
C GLN A 250 -20.13 7.05 -11.51
N ASN A 251 -21.11 7.13 -12.39
CA ASN A 251 -22.30 6.31 -12.22
C ASN A 251 -22.22 5.00 -12.96
N ILE A 252 -21.17 4.79 -13.71
CA ILE A 252 -21.15 3.55 -14.47
C ILE A 252 -19.90 2.69 -14.33
N ALA A 253 -18.79 3.29 -13.87
CA ALA A 253 -17.51 2.61 -13.98
C ALA A 253 -17.60 1.35 -13.18
N TYR A 254 -18.20 1.43 -12.02
CA TYR A 254 -18.18 0.27 -11.21
C TYR A 254 -19.19 -0.76 -11.66
N LYS A 255 -19.89 -0.45 -12.75
CA LYS A 255 -21.01 -1.29 -13.16
C LYS A 255 -20.64 -2.28 -14.23
N TYR A 256 -19.55 -2.04 -14.94
CA TYR A 256 -19.07 -2.94 -15.98
C TYR A 256 -18.88 -4.35 -15.49
N ASP A 257 -18.75 -5.31 -16.40
CA ASP A 257 -18.36 -6.65 -15.96
C ASP A 257 -16.94 -6.63 -15.50
N LYS A 258 -16.49 -7.78 -15.02
CA LYS A 258 -15.20 -7.88 -14.37
C LYS A 258 -14.06 -7.51 -15.31
N ASP A 259 -14.32 -7.63 -16.61
CA ASP A 259 -13.27 -7.51 -17.61
C ASP A 259 -12.98 -6.07 -18.05
N LEU A 260 -13.70 -5.12 -17.47
CA LEU A 260 -13.31 -3.74 -17.64
C LEU A 260 -13.00 -3.06 -16.35
N VAL A 261 -11.77 -2.57 -16.24
CA VAL A 261 -11.45 -1.52 -15.31
C VAL A 261 -11.36 -0.23 -16.12
N LEU A 262 -12.08 0.78 -15.68
CA LEU A 262 -11.97 2.12 -16.27
C LEU A 262 -11.63 3.06 -15.13
N MET A 263 -10.44 3.70 -15.15
CA MET A 263 -10.00 4.55 -14.04
C MET A 263 -9.86 5.96 -14.55
N THR A 264 -9.74 6.92 -13.64
CA THR A 264 -9.53 8.28 -14.08
C THR A 264 -8.59 9.08 -13.19
N HIS A 265 -7.76 9.91 -13.84
CA HIS A 265 -6.79 10.83 -13.21
C HIS A 265 -7.19 12.26 -13.43
N PHE A 266 -6.78 13.16 -12.55
CA PHE A 266 -6.88 14.60 -12.79
C PHE A 266 -5.66 15.30 -12.28
N ILE A 267 -5.18 16.29 -13.03
CA ILE A 267 -4.01 17.11 -12.69
C ILE A 267 -4.15 18.42 -13.43
N THR A 268 -3.24 19.35 -13.18
CA THR A 268 -3.14 20.53 -14.02
C THR A 268 -1.95 20.45 -14.98
N LYS A 269 -2.14 20.97 -16.18
CA LYS A 269 -1.07 21.07 -17.17
C LYS A 269 -1.02 22.48 -17.75
N ASN A 270 0.15 22.88 -18.25
CA ASN A 270 0.46 24.22 -18.86
C ASN A 270 1.14 25.24 -17.89
N ILE A 271 2.47 25.12 -17.72
CA ILE A 271 3.27 25.88 -16.68
C ILE A 271 3.53 27.37 -16.89
N THR A 272 3.17 28.18 -15.87
CA THR A 272 3.57 29.60 -15.82
C THR A 272 4.30 29.93 -14.50
N THR A 280 -2.86 27.58 -18.47
CA THR A 280 -2.96 26.45 -17.53
C THR A 280 -4.37 25.94 -17.18
N THR A 281 -4.59 24.66 -17.47
CA THR A 281 -5.92 24.05 -17.41
C THR A 281 -5.93 22.64 -16.76
N VAL A 282 -6.98 22.36 -16.00
CA VAL A 282 -7.28 21.00 -15.52
C VAL A 282 -7.43 19.97 -16.65
N HIS A 283 -6.83 18.79 -16.44
CA HIS A 283 -6.90 17.71 -17.41
C HIS A 283 -7.37 16.46 -16.75
N GLY A 284 -8.38 15.81 -17.33
CA GLY A 284 -8.78 14.45 -16.93
C GLY A 284 -8.22 13.41 -17.87
N TYR A 285 -7.54 12.39 -17.37
CA TYR A 285 -7.25 11.22 -18.21
C TYR A 285 -8.14 10.05 -17.86
N PHE A 286 -8.64 9.33 -18.86
CA PHE A 286 -9.46 8.15 -18.61
C PHE A 286 -8.84 6.90 -19.17
N SER A 287 -8.59 5.91 -18.31
CA SER A 287 -7.82 4.74 -18.75
C SER A 287 -8.46 3.39 -18.53
N SER A 288 -8.10 2.45 -19.39
CA SER A 288 -8.69 1.14 -19.29
C SER A 288 -7.72 -0.01 -19.20
N ILE A 289 -8.11 -1.00 -18.41
CA ILE A 289 -7.64 -2.33 -18.65
C ILE A 289 -8.83 -3.16 -19.01
N PHE A 290 -8.85 -3.65 -20.25
CA PHE A 290 -9.92 -4.49 -20.71
C PHE A 290 -9.41 -5.85 -21.02
N HIS A 291 -9.96 -6.84 -20.33
CA HIS A 291 -9.63 -8.23 -20.62
C HIS A 291 -10.38 -8.58 -21.85
N GLY A 292 -9.76 -8.38 -23.01
CA GLY A 292 -10.38 -8.73 -24.25
C GLY A 292 -9.78 -7.86 -25.34
N GLY A 293 -10.36 -7.97 -26.54
CA GLY A 293 -9.80 -7.35 -27.74
C GLY A 293 -10.27 -5.93 -28.02
N VAL A 294 -9.58 -5.27 -28.96
CA VAL A 294 -9.83 -3.89 -29.36
C VAL A 294 -11.27 -3.62 -29.74
N ASP A 295 -11.88 -4.58 -30.44
CA ASP A 295 -13.19 -4.32 -31.02
C ASP A 295 -14.31 -4.50 -30.08
N SER A 296 -14.26 -5.58 -29.32
CA SER A 296 -15.25 -5.79 -28.30
C SER A 296 -15.27 -4.50 -27.50
N LEU A 297 -14.08 -3.95 -27.25
CA LEU A 297 -13.91 -2.84 -26.30
C LEU A 297 -14.50 -1.54 -26.82
N VAL A 298 -14.11 -1.15 -28.03
CA VAL A 298 -14.70 0.03 -28.70
C VAL A 298 -16.22 -0.07 -28.75
N ASP A 299 -16.69 -1.25 -29.09
CA ASP A 299 -18.09 -1.58 -29.14
C ASP A 299 -18.74 -1.32 -27.79
N LEU A 300 -18.10 -1.88 -26.76
CA LEU A 300 -18.52 -1.64 -25.40
C LEU A 300 -18.55 -0.15 -25.11
N MET A 301 -17.48 0.55 -25.46
CA MET A 301 -17.41 1.97 -25.14
C MET A 301 -18.43 2.75 -25.90
N ASN A 302 -18.46 2.53 -27.21
CA ASN A 302 -19.40 3.13 -28.16
C ASN A 302 -20.84 2.94 -27.63
N LYS A 303 -21.10 1.78 -27.04
CA LYS A 303 -22.43 1.50 -26.46
C LYS A 303 -22.67 2.22 -25.13
N SER A 304 -21.77 1.94 -24.18
CA SER A 304 -21.96 2.34 -22.79
C SER A 304 -21.61 3.78 -22.57
N PHE A 305 -20.53 4.24 -23.20
CA PHE A 305 -20.01 5.56 -22.87
C PHE A 305 -19.64 6.35 -24.13
N PRO A 306 -20.60 6.55 -25.04
CA PRO A 306 -20.35 7.27 -26.28
C PRO A 306 -19.62 8.59 -26.08
N GLU A 307 -20.05 9.42 -25.15
CA GLU A 307 -19.50 10.78 -24.98
C GLU A 307 -18.00 10.83 -24.72
N LEU A 308 -17.45 9.68 -24.40
CA LEU A 308 -16.04 9.60 -24.16
C LEU A 308 -15.29 9.59 -25.50
N GLY A 309 -15.94 9.11 -26.55
CA GLY A 309 -15.42 9.29 -27.88
C GLY A 309 -14.07 8.65 -28.14
N ILE A 310 -13.87 7.47 -27.57
CA ILE A 310 -12.70 6.64 -27.91
C ILE A 310 -12.88 5.99 -29.29
N LYS A 311 -11.76 5.59 -29.89
CA LYS A 311 -11.79 4.99 -31.21
C LYS A 311 -10.83 3.81 -31.26
N LYS A 312 -10.89 3.02 -32.31
CA LYS A 312 -9.89 1.99 -32.48
C LYS A 312 -8.47 2.59 -32.40
N THR A 313 -8.24 3.72 -33.05
CA THR A 313 -6.90 4.34 -33.11
C THR A 313 -6.36 4.58 -31.73
N ASP A 314 -7.26 4.60 -30.74
CA ASP A 314 -7.01 4.95 -29.35
C ASP A 314 -6.38 3.88 -28.45
N CYS A 315 -6.43 2.61 -28.85
CA CYS A 315 -6.08 1.54 -27.94
C CYS A 315 -5.31 0.37 -28.48
N LYS A 316 -4.22 0.06 -27.80
CA LYS A 316 -3.45 -1.13 -28.13
C LYS A 316 -3.82 -2.29 -27.21
N GLU A 317 -3.42 -3.48 -27.64
CA GLU A 317 -3.58 -4.66 -26.80
C GLU A 317 -2.23 -5.14 -26.39
N PHE A 318 -2.06 -5.35 -25.10
CA PHE A 318 -0.78 -5.69 -24.54
C PHE A 318 -0.85 -7.03 -23.87
N SER A 319 0.29 -7.63 -23.62
CA SER A 319 0.41 -8.72 -22.66
C SER A 319 0.28 -8.17 -21.23
N TRP A 320 0.01 -9.04 -20.27
CA TRP A 320 -0.24 -8.59 -18.92
C TRP A 320 0.90 -7.76 -18.39
N ILE A 321 2.11 -8.23 -18.65
CA ILE A 321 3.29 -7.66 -18.06
C ILE A 321 3.54 -6.28 -18.64
N ASP A 322 3.18 -6.12 -19.90
CA ASP A 322 3.20 -4.85 -20.54
C ASP A 322 2.20 -3.92 -19.89
N THR A 323 0.99 -4.42 -19.68
CA THR A 323 -0.02 -3.66 -18.97
C THR A 323 0.49 -3.30 -17.58
N THR A 324 1.06 -4.29 -16.90
CA THR A 324 1.67 -4.03 -15.59
C THR A 324 2.55 -2.78 -15.65
N ILE A 325 3.40 -2.76 -16.68
CA ILE A 325 4.40 -1.72 -16.89
C ILE A 325 3.75 -0.41 -17.25
N PHE A 326 2.89 -0.43 -18.24
CA PHE A 326 2.19 0.77 -18.62
C PHE A 326 1.69 1.53 -17.38
N TYR A 327 1.28 0.78 -16.37
CA TYR A 327 0.55 1.37 -15.29
C TYR A 327 1.37 1.39 -14.06
N SER A 328 2.54 1.98 -14.14
CA SER A 328 3.40 2.10 -12.99
C SER A 328 4.26 3.36 -13.17
N GLY A 329 5.13 3.62 -12.21
CA GLY A 329 5.80 4.93 -12.14
C GLY A 329 6.95 5.24 -13.09
N VAL A 330 7.07 4.50 -14.20
CA VAL A 330 8.23 4.63 -15.11
C VAL A 330 7.96 5.20 -16.53
N VAL A 331 8.67 6.28 -16.95
CA VAL A 331 8.41 7.02 -18.25
C VAL A 331 8.03 6.16 -19.52
N ASN A 332 7.15 6.71 -20.37
CA ASN A 332 6.55 6.06 -21.58
C ASN A 332 5.58 4.90 -21.25
N PHE A 338 11.05 1.12 -20.61
CA PHE A 338 10.82 0.62 -21.98
C PHE A 338 10.70 -0.92 -22.00
N LYS A 339 11.83 -1.62 -21.89
CA LYS A 339 11.89 -3.10 -21.77
C LYS A 339 11.49 -3.66 -20.37
N LYS A 340 10.83 -4.82 -20.34
CA LYS A 340 10.23 -5.39 -19.12
C LYS A 340 11.10 -5.73 -17.93
N GLU A 341 12.41 -5.59 -18.05
CA GLU A 341 13.29 -5.90 -16.94
C GLU A 341 13.44 -4.76 -15.92
N ILE A 342 12.85 -3.60 -16.20
CA ILE A 342 12.72 -2.60 -15.16
C ILE A 342 12.00 -3.15 -13.95
N LEU A 343 11.07 -4.08 -14.17
CA LEU A 343 10.28 -4.58 -13.08
C LEU A 343 11.19 -5.04 -11.97
N LEU A 344 12.41 -5.42 -12.34
CA LEU A 344 13.39 -6.00 -11.44
C LEU A 344 14.22 -4.98 -10.69
N ASP A 345 14.16 -3.74 -11.12
CA ASP A 345 15.15 -2.74 -10.74
C ASP A 345 14.74 -2.01 -9.47
N ARG A 346 15.40 -2.33 -8.35
CA ARG A 346 15.02 -1.74 -7.08
C ARG A 346 14.88 -0.21 -7.18
N SER A 347 15.89 0.47 -7.76
CA SER A 347 15.91 1.97 -7.86
C SER A 347 15.29 2.64 -9.15
N ALA A 348 14.06 2.31 -9.47
CA ALA A 348 13.37 2.91 -10.61
C ALA A 348 12.27 3.86 -10.16
N GLY A 349 11.65 4.53 -11.12
CA GLY A 349 10.88 5.72 -10.80
C GLY A 349 11.80 6.79 -10.16
N LYS A 350 11.15 7.88 -9.73
CA LYS A 350 11.80 8.90 -8.91
C LYS A 350 11.06 9.00 -7.58
N LYS A 351 11.85 9.13 -6.53
CA LYS A 351 11.33 9.40 -5.21
C LYS A 351 11.00 10.90 -5.15
N THR A 352 9.84 11.22 -4.58
CA THR A 352 9.52 12.58 -4.28
C THR A 352 9.15 12.65 -2.81
N ALA A 353 9.05 13.87 -2.29
CA ALA A 353 8.30 14.12 -1.08
C ALA A 353 6.82 13.97 -1.46
N PHE A 354 6.04 13.36 -0.60
CA PHE A 354 4.60 13.18 -0.89
C PHE A 354 3.70 13.12 0.32
N SER A 355 2.46 13.56 0.09
CA SER A 355 1.36 13.44 1.02
C SER A 355 0.22 12.85 0.23
N ILE A 356 -0.42 11.86 0.82
CA ILE A 356 -1.56 11.27 0.19
C ILE A 356 -2.64 10.93 1.21
N LYS A 357 -3.88 10.94 0.73
CA LYS A 357 -5.04 10.65 1.52
C LYS A 357 -6.05 10.15 0.52
N LEU A 358 -6.98 9.33 0.98
CA LEU A 358 -7.88 8.56 0.14
C LEU A 358 -9.24 8.52 0.78
N ASP A 359 -10.27 8.67 -0.03
CA ASP A 359 -11.64 8.48 0.44
C ASP A 359 -12.29 7.37 -0.36
N TYR A 360 -13.29 6.71 0.24
CA TYR A 360 -14.22 5.80 -0.48
C TYR A 360 -15.55 6.49 -0.71
N VAL A 361 -16.22 6.12 -1.80
CA VAL A 361 -17.42 6.84 -2.26
C VAL A 361 -18.55 5.84 -2.53
N LYS A 362 -19.70 6.12 -1.92
CA LYS A 362 -20.86 5.25 -1.97
C LYS A 362 -22.01 5.88 -2.75
N LYS A 363 -21.94 7.20 -2.90
CA LYS A 363 -23.00 7.97 -3.53
C LYS A 363 -22.41 9.03 -4.42
N PRO A 364 -22.98 9.15 -5.63
CA PRO A 364 -22.39 9.99 -6.61
C PRO A 364 -22.09 11.36 -6.03
N ILE A 365 -20.90 11.87 -6.28
CA ILE A 365 -20.60 13.25 -5.95
C ILE A 365 -21.35 14.19 -6.89
N PRO A 366 -22.00 15.21 -6.31
CA PRO A 366 -22.67 16.26 -7.07
C PRO A 366 -21.69 17.01 -7.95
N GLU A 367 -22.06 17.11 -9.23
CA GLU A 367 -21.34 17.85 -10.27
C GLU A 367 -20.83 19.22 -9.80
N THR A 368 -21.66 20.02 -9.11
CA THR A 368 -21.27 21.34 -8.59
C THR A 368 -20.11 21.23 -7.65
N ALA A 369 -20.29 20.40 -6.65
CA ALA A 369 -19.22 20.15 -5.71
C ALA A 369 -17.93 19.64 -6.39
N MET A 370 -18.04 18.88 -7.48
CA MET A 370 -16.86 18.30 -8.07
C MET A 370 -15.99 19.34 -8.80
N VAL A 371 -16.63 20.36 -9.37
CA VAL A 371 -15.90 21.41 -10.05
C VAL A 371 -15.04 22.09 -9.02
N LYS A 372 -15.61 22.26 -7.84
CA LYS A 372 -14.92 22.89 -6.75
C LYS A 372 -13.67 22.09 -6.33
N ILE A 373 -13.80 20.77 -6.31
CA ILE A 373 -12.68 19.90 -5.99
C ILE A 373 -11.63 20.08 -7.07
N LEU A 374 -12.06 20.00 -8.32
CA LEU A 374 -11.16 20.20 -9.41
C LEU A 374 -10.57 21.60 -9.36
N GLU A 375 -11.42 22.57 -9.03
CA GLU A 375 -10.99 23.95 -8.94
C GLU A 375 -9.76 24.07 -8.05
N LYS A 376 -9.69 23.25 -6.99
CA LYS A 376 -8.57 23.32 -6.05
C LYS A 376 -7.21 22.94 -6.58
N LEU A 377 -7.16 22.23 -7.70
CA LEU A 377 -5.87 21.85 -8.25
C LEU A 377 -5.07 23.07 -8.68
N TYR A 378 -5.79 24.15 -9.02
CA TYR A 378 -5.21 25.45 -9.44
C TYR A 378 -4.40 26.09 -8.29
N GLU A 379 -4.77 25.77 -7.06
CA GLU A 379 -4.13 26.37 -5.89
C GLU A 379 -2.74 25.84 -5.53
N GLU A 380 -2.29 24.80 -6.21
CA GLU A 380 -0.90 24.40 -6.07
C GLU A 380 -0.20 24.56 -7.41
N ASP A 381 1.11 24.36 -7.43
CA ASP A 381 1.80 24.39 -8.71
C ASP A 381 1.27 23.31 -9.65
N VAL A 382 1.54 23.55 -10.92
CA VAL A 382 1.19 22.68 -12.03
C VAL A 382 1.77 21.32 -11.80
N GLY A 383 0.95 20.28 -11.95
CA GLY A 383 1.38 18.91 -11.67
C GLY A 383 1.57 18.50 -10.21
N ALA A 384 1.49 19.43 -9.25
CA ALA A 384 1.83 19.08 -7.84
C ALA A 384 0.79 18.14 -7.20
N GLY A 385 -0.43 18.67 -7.01
CA GLY A 385 -1.60 17.86 -6.75
C GLY A 385 -2.04 16.94 -7.89
N MET A 386 -2.70 15.86 -7.51
CA MET A 386 -3.33 14.98 -8.46
C MET A 386 -4.40 14.15 -7.77
N TYR A 387 -5.54 13.96 -8.44
CA TYR A 387 -6.57 12.99 -7.97
C TYR A 387 -6.59 11.72 -8.77
N VAL A 388 -6.54 10.61 -8.08
CA VAL A 388 -6.69 9.35 -8.75
C VAL A 388 -8.00 8.68 -8.35
N LEU A 389 -8.72 8.20 -9.34
CA LEU A 389 -10.00 7.60 -9.09
C LEU A 389 -10.00 6.18 -9.65
N TYR A 390 -10.27 5.19 -8.79
CA TYR A 390 -10.45 3.83 -9.25
C TYR A 390 -11.81 3.27 -8.84
N PRO A 391 -12.47 2.54 -9.76
CA PRO A 391 -13.81 2.02 -9.63
C PRO A 391 -13.82 0.74 -8.82
N TYR A 392 -14.96 0.48 -8.23
CA TYR A 392 -15.01 -0.49 -7.20
C TYR A 392 -16.08 -1.55 -7.36
N GLY A 393 -16.34 -2.09 -8.52
CA GLY A 393 -17.45 -3.05 -8.46
C GLY A 393 -17.09 -4.53 -8.32
N GLY A 394 -17.65 -5.32 -9.23
CA GLY A 394 -17.20 -6.67 -9.54
C GLY A 394 -17.09 -7.51 -8.32
N ILE A 395 -16.00 -8.26 -8.22
CA ILE A 395 -15.86 -9.21 -7.15
C ILE A 395 -16.01 -8.64 -5.74
N MET A 396 -15.84 -7.32 -5.59
CA MET A 396 -15.79 -6.78 -4.23
C MET A 396 -17.17 -6.76 -3.59
N GLU A 397 -18.15 -7.22 -4.35
CA GLU A 397 -19.51 -7.14 -3.91
C GLU A 397 -19.82 -8.48 -3.28
N GLU A 398 -19.00 -9.47 -3.62
CA GLU A 398 -19.24 -10.78 -3.10
C GLU A 398 -18.30 -11.25 -2.02
N ILE A 399 -17.23 -10.51 -1.74
CA ILE A 399 -16.30 -10.92 -0.66
C ILE A 399 -16.79 -10.38 0.68
N SER A 400 -16.92 -11.26 1.66
CA SER A 400 -17.46 -10.84 2.96
C SER A 400 -16.63 -9.71 3.60
N GLU A 401 -17.25 -8.86 4.42
CA GLU A 401 -16.50 -7.81 5.12
C GLU A 401 -15.50 -8.30 6.19
N SER A 402 -15.77 -9.46 6.78
CA SER A 402 -14.93 -9.97 7.86
C SER A 402 -14.13 -11.17 7.37
N ALA A 403 -14.16 -11.39 6.06
CA ALA A 403 -13.33 -12.41 5.45
C ALA A 403 -11.89 -12.22 5.92
N ILE A 404 -11.39 -10.99 5.77
CA ILE A 404 -10.14 -10.58 6.31
C ILE A 404 -10.32 -9.23 6.97
N PRO A 405 -9.28 -8.77 7.71
CA PRO A 405 -9.42 -7.50 8.41
C PRO A 405 -9.85 -6.34 7.52
N PHE A 406 -9.59 -6.37 6.23
CA PHE A 406 -9.92 -5.25 5.35
C PHE A 406 -11.40 -5.30 4.99
N PRO A 407 -12.20 -4.28 5.40
CA PRO A 407 -13.64 -4.44 5.41
C PRO A 407 -14.37 -3.63 4.32
N HIS A 408 -13.69 -3.17 3.26
CA HIS A 408 -14.33 -2.23 2.32
C HIS A 408 -14.80 -2.89 1.01
N ARG A 409 -15.98 -3.50 1.07
CA ARG A 409 -16.45 -4.40 0.04
C ARG A 409 -17.67 -3.84 -0.63
N ALA A 410 -18.84 -4.19 -0.14
CA ALA A 410 -20.02 -4.01 -0.99
C ALA A 410 -20.56 -2.57 -0.95
N GLY A 411 -21.10 -2.07 -2.06
CA GLY A 411 -21.78 -0.76 -2.11
C GLY A 411 -20.83 0.44 -2.13
N ILE A 412 -19.62 0.22 -2.61
CA ILE A 412 -18.73 1.33 -2.88
C ILE A 412 -18.70 1.50 -4.37
N MET A 413 -18.84 2.76 -4.78
CA MET A 413 -18.79 3.11 -6.17
C MET A 413 -17.38 3.22 -6.66
N TYR A 414 -16.51 3.89 -5.90
CA TYR A 414 -15.12 4.03 -6.33
C TYR A 414 -14.28 4.64 -5.23
N GLU A 415 -12.97 4.58 -5.36
CA GLU A 415 -12.15 5.24 -4.36
C GLU A 415 -11.53 6.53 -4.92
N LEU A 416 -11.27 7.51 -4.05
CA LEU A 416 -10.65 8.77 -4.44
C LEU A 416 -9.33 9.01 -3.71
N TRP A 417 -8.24 9.15 -4.44
CA TRP A 417 -6.97 9.50 -3.83
C TRP A 417 -6.78 10.96 -4.12
N TYR A 418 -6.23 11.66 -3.13
CA TYR A 418 -5.75 13.03 -3.28
C TYR A 418 -4.29 13.05 -2.87
N THR A 419 -3.43 13.52 -3.76
CA THR A 419 -2.03 13.34 -3.56
C THR A 419 -1.26 14.55 -4.02
N ALA A 420 -0.14 14.78 -3.35
CA ALA A 420 0.75 15.85 -3.75
C ALA A 420 2.18 15.35 -3.65
N SER A 421 2.97 15.68 -4.66
CA SER A 421 4.38 15.36 -4.68
C SER A 421 5.13 16.62 -5.01
N TRP A 422 6.26 16.82 -4.34
CA TRP A 422 7.11 17.97 -4.57
C TRP A 422 8.53 17.56 -4.27
N GLU A 423 9.46 18.50 -4.34
CA GLU A 423 10.86 18.20 -4.07
C GLU A 423 11.32 18.76 -2.76
N LYS A 424 10.95 20.02 -2.50
CA LYS A 424 11.69 20.86 -1.59
C LYS A 424 11.19 20.88 -0.15
N GLN A 425 12.15 20.62 0.76
CA GLN A 425 11.91 20.42 2.19
C GLN A 425 11.16 21.54 2.91
N GLU A 426 11.17 22.73 2.34
CA GLU A 426 10.50 23.87 2.95
C GLU A 426 9.03 23.82 2.60
N ASP A 427 8.79 23.58 1.31
CA ASP A 427 7.45 23.47 0.79
C ASP A 427 6.62 22.36 1.39
N ASN A 428 7.19 21.57 2.28
CA ASN A 428 6.42 20.58 3.03
C ASN A 428 5.07 21.06 3.58
N GLU A 429 5.11 21.94 4.59
CA GLU A 429 3.90 22.35 5.32
C GLU A 429 2.80 22.80 4.34
N LYS A 430 3.17 23.67 3.44
CA LYS A 430 2.34 24.11 2.37
C LYS A 430 1.63 22.96 1.67
N HIS A 431 2.38 21.97 1.26
CA HIS A 431 1.82 20.93 0.42
C HIS A 431 0.97 19.93 1.15
N ILE A 432 1.38 19.57 2.37
CA ILE A 432 0.58 18.62 3.14
C ILE A 432 -0.70 19.28 3.61
N ASN A 433 -0.68 20.61 3.68
CA ASN A 433 -1.84 21.34 4.13
C ASN A 433 -2.88 21.49 3.05
N TRP A 434 -2.39 21.48 1.82
CA TRP A 434 -3.28 21.46 0.69
C TRP A 434 -4.04 20.14 0.74
N VAL A 435 -3.30 19.04 0.65
CA VAL A 435 -3.92 17.75 0.77
C VAL A 435 -4.93 17.74 1.89
N ARG A 436 -4.59 18.25 3.06
CA ARG A 436 -5.59 18.24 4.11
C ARG A 436 -6.83 19.03 3.75
N SER A 437 -6.64 20.20 3.14
CA SER A 437 -7.78 21.08 2.96
C SER A 437 -8.74 20.51 1.94
N VAL A 438 -8.24 19.83 0.92
CA VAL A 438 -9.12 19.14 -0.03
C VAL A 438 -9.87 18.03 0.72
N TYR A 439 -9.15 17.32 1.57
CA TYR A 439 -9.76 16.28 2.35
C TYR A 439 -10.91 16.84 3.20
N ASN A 440 -10.65 18.00 3.79
CA ASN A 440 -11.60 18.52 4.70
C ASN A 440 -12.79 18.90 3.86
N PHE A 441 -12.49 19.46 2.71
CA PHE A 441 -13.53 20.00 1.87
C PHE A 441 -14.52 18.94 1.37
N THR A 442 -14.02 17.74 1.08
CA THR A 442 -14.81 16.68 0.44
C THR A 442 -15.59 15.94 1.48
N THR A 443 -15.37 16.34 2.73
CA THR A 443 -15.91 15.54 3.78
C THR A 443 -17.41 15.24 3.65
N PRO A 444 -18.24 16.23 3.27
CA PRO A 444 -19.66 15.99 3.07
C PRO A 444 -20.01 14.94 2.03
N TYR A 445 -19.11 14.61 1.11
CA TYR A 445 -19.54 13.88 -0.11
C TYR A 445 -19.10 12.43 -0.17
N VAL A 446 -18.14 12.07 0.67
CA VAL A 446 -17.49 10.78 0.64
C VAL A 446 -18.22 9.90 1.63
N SER A 447 -17.64 8.77 2.02
CA SER A 447 -18.31 7.89 2.96
C SER A 447 -18.38 8.55 4.34
N GLN A 448 -19.20 7.98 5.22
CA GLN A 448 -19.74 8.78 6.28
C GLN A 448 -19.83 8.23 7.72
N ASN A 449 -20.37 7.04 7.96
CA ASN A 449 -20.40 6.59 9.34
C ASN A 449 -19.81 5.22 9.43
N PRO A 450 -18.45 5.12 9.63
CA PRO A 450 -17.57 6.29 9.76
C PRO A 450 -16.94 6.56 8.41
N ARG A 451 -16.18 7.66 8.32
CA ARG A 451 -15.40 7.98 7.13
C ARG A 451 -14.30 6.94 6.94
N LEU A 452 -14.51 6.02 6.02
CA LEU A 452 -13.62 4.89 5.85
C LEU A 452 -12.28 5.37 5.35
N ALA A 453 -11.20 4.68 5.75
CA ALA A 453 -9.86 4.90 5.23
C ALA A 453 -9.14 3.58 5.09
N TYR A 454 -7.91 3.64 4.61
CA TYR A 454 -7.24 2.44 4.09
C TYR A 454 -5.89 2.34 4.75
N LEU A 455 -5.69 1.28 5.51
CA LEU A 455 -4.40 1.09 6.23
C LEU A 455 -3.16 1.28 5.39
N ASN A 456 -3.17 0.95 4.11
CA ASN A 456 -1.94 1.16 3.33
C ASN A 456 -1.67 2.57 2.89
N TYR A 457 -2.61 3.49 3.13
CA TYR A 457 -2.33 4.91 3.07
C TYR A 457 -2.58 5.49 4.48
N ARG A 458 -1.65 5.17 5.39
CA ARG A 458 -1.68 5.62 6.79
C ARG A 458 -1.82 7.11 6.90
N ASP A 459 -2.70 7.53 7.80
CA ASP A 459 -3.07 8.91 7.99
C ASP A 459 -3.14 9.23 9.47
N LEU A 460 -2.03 9.76 9.97
CA LEU A 460 -1.85 9.97 11.40
C LEU A 460 -2.80 11.01 11.82
N ASP A 461 -3.33 11.73 10.84
CA ASP A 461 -4.33 12.68 11.14
C ASP A 461 -5.54 12.04 11.76
N LEU A 462 -5.82 10.78 11.41
CA LEU A 462 -6.94 10.10 12.04
C LEU A 462 -6.80 9.87 13.56
N GLY A 463 -5.61 10.09 14.11
CA GLY A 463 -5.38 9.94 15.54
C GLY A 463 -4.09 9.20 15.80
N LYS A 464 -3.39 9.60 16.85
CA LYS A 464 -2.09 8.99 17.13
C LYS A 464 -2.16 8.16 18.39
N THR A 465 -1.36 7.11 18.49
CA THR A 465 -1.27 6.31 19.70
C THR A 465 0.09 6.62 20.30
N ASN A 466 0.13 7.28 21.44
CA ASN A 466 1.45 7.72 21.90
C ASN A 466 2.26 6.79 22.82
N HIS A 467 3.58 6.81 22.61
CA HIS A 467 4.59 6.23 23.54
C HIS A 467 4.41 6.76 25.00
N ALA A 468 4.27 8.09 25.14
CA ALA A 468 4.20 8.82 26.43
C ALA A 468 2.76 9.05 26.96
N SER A 469 1.87 8.09 26.68
CA SER A 469 0.43 8.13 27.02
C SER A 469 -0.14 6.72 27.34
N PRO A 470 -1.08 6.61 28.32
CA PRO A 470 -1.44 5.36 29.05
C PRO A 470 -2.20 4.24 28.30
N ASN A 471 -2.61 4.48 27.05
CA ASN A 471 -3.22 3.44 26.15
C ASN A 471 -4.76 3.37 26.04
N ASN A 472 -5.48 4.48 26.26
CA ASN A 472 -6.92 4.40 26.14
C ASN A 472 -7.32 3.62 24.89
N TYR A 473 -8.09 2.57 25.12
CA TYR A 473 -8.58 1.75 24.04
C TYR A 473 -9.64 2.48 23.16
N THR A 474 -10.52 3.26 23.78
CA THR A 474 -11.65 3.89 23.08
C THR A 474 -11.14 4.98 22.18
N GLN A 475 -9.87 5.29 22.36
CA GLN A 475 -9.23 6.28 21.56
C GLN A 475 -8.81 5.69 20.24
N ALA A 476 -8.22 4.50 20.29
CA ALA A 476 -7.70 3.85 19.11
C ALA A 476 -8.85 3.51 18.17
N ARG A 477 -9.92 3.01 18.74
CA ARG A 477 -11.17 2.75 18.05
C ARG A 477 -11.57 3.80 16.99
N ILE A 478 -11.38 5.08 17.30
CA ILE A 478 -11.77 6.16 16.43
C ILE A 478 -11.24 5.94 15.05
N TRP A 479 -9.95 5.61 14.94
CA TRP A 479 -9.30 5.32 13.65
C TRP A 479 -9.30 3.85 13.27
N GLY A 480 -9.26 3.01 14.28
CA GLY A 480 -9.29 1.57 14.12
C GLY A 480 -10.55 1.27 13.36
N GLU A 481 -11.61 1.98 13.71
CA GLU A 481 -12.85 1.73 13.02
C GLU A 481 -12.89 2.26 11.65
N LYS A 482 -12.05 3.23 11.35
CA LYS A 482 -12.06 3.76 10.01
C LYS A 482 -11.32 2.85 9.07
N TYR A 483 -10.20 2.29 9.52
CA TYR A 483 -9.36 1.43 8.67
C TYR A 483 -10.02 0.06 8.52
N PHE A 484 -10.57 -0.44 9.61
CA PHE A 484 -11.22 -1.74 9.64
C PHE A 484 -12.66 -1.64 10.08
N GLY A 485 -13.34 -2.73 10.12
CA GLY A 485 -14.76 -2.43 10.23
C GLY A 485 -15.20 -2.65 11.62
N LYS A 486 -16.17 -3.54 11.66
CA LYS A 486 -16.50 -4.38 12.78
C LYS A 486 -15.26 -5.22 13.13
N ASN A 487 -14.39 -5.37 12.14
CA ASN A 487 -13.16 -6.09 12.25
C ASN A 487 -12.28 -5.64 13.40
N PHE A 488 -12.58 -4.47 13.95
CA PHE A 488 -11.64 -3.89 14.93
C PHE A 488 -11.60 -4.67 16.23
N ASN A 489 -12.73 -5.18 16.67
CA ASN A 489 -12.72 -5.91 17.91
C ASN A 489 -11.86 -7.13 17.88
N ARG A 490 -12.06 -7.93 16.86
CA ARG A 490 -11.32 -9.17 16.70
C ARG A 490 -9.83 -8.85 16.59
N LEU A 491 -9.54 -7.76 15.90
CA LEU A 491 -8.19 -7.32 15.85
C LEU A 491 -7.64 -7.07 17.24
N VAL A 492 -8.37 -6.40 18.15
CA VAL A 492 -7.73 -6.13 19.43
C VAL A 492 -7.70 -7.37 20.27
N LYS A 493 -8.54 -8.33 19.92
CA LYS A 493 -8.54 -9.59 20.59
C LYS A 493 -7.22 -10.28 20.26
N VAL A 494 -6.85 -10.28 18.97
CA VAL A 494 -5.65 -10.98 18.52
C VAL A 494 -4.39 -10.33 19.08
N LYS A 495 -4.32 -8.99 19.01
CA LYS A 495 -3.25 -8.23 19.64
C LYS A 495 -2.99 -8.66 21.11
N THR A 496 -4.06 -8.56 21.88
CA THR A 496 -4.05 -8.83 23.27
C THR A 496 -3.53 -10.24 23.51
N LYS A 497 -3.79 -11.13 22.58
CA LYS A 497 -3.42 -12.50 22.81
C LYS A 497 -1.94 -12.76 22.45
N VAL A 498 -1.51 -12.15 21.35
CA VAL A 498 -0.26 -12.58 20.78
C VAL A 498 0.90 -11.66 21.20
N ASP A 499 0.55 -10.42 21.63
CA ASP A 499 1.53 -9.38 22.04
C ASP A 499 0.96 -8.46 23.12
N PRO A 500 0.64 -9.04 24.29
CA PRO A 500 -0.08 -8.42 25.38
C PRO A 500 0.69 -7.26 25.94
N ASN A 501 2.00 -7.31 25.84
CA ASN A 501 2.82 -6.18 26.33
C ASN A 501 3.12 -5.12 25.30
N ASN A 502 2.41 -5.16 24.18
CA ASN A 502 2.57 -4.20 23.12
C ASN A 502 3.99 -3.90 22.73
N PHE A 503 4.75 -4.93 22.42
CA PHE A 503 6.11 -4.69 22.02
C PHE A 503 6.16 -4.17 20.59
N PHE A 504 5.34 -4.75 19.73
CA PHE A 504 5.26 -4.28 18.34
C PHE A 504 4.27 -3.14 18.28
N ARG A 505 4.81 -1.93 18.27
CA ARG A 505 3.99 -0.76 18.38
C ARG A 505 4.56 0.37 17.54
N ASN A 506 3.67 1.29 17.14
CA ASN A 506 4.07 2.52 16.47
C ASN A 506 3.16 3.68 16.76
N GLU A 507 3.42 4.78 16.08
CA GLU A 507 2.66 5.98 16.31
C GLU A 507 1.15 5.87 15.99
N GLN A 508 0.71 4.78 15.37
CA GLN A 508 -0.74 4.50 15.21
C GLN A 508 -1.00 3.01 15.02
N SER A 509 -0.79 2.28 16.10
CA SER A 509 -0.87 0.84 16.11
C SER A 509 -1.97 0.33 17.07
N ILE A 510 -2.53 -0.85 16.78
CA ILE A 510 -3.55 -1.45 17.66
C ILE A 510 -3.05 -1.79 19.06
N PRO A 511 -3.68 -1.19 20.09
CA PRO A 511 -3.26 -1.45 21.47
C PRO A 511 -3.79 -2.79 21.94
N PRO A 512 -3.07 -3.48 22.85
CA PRO A 512 -3.72 -4.59 23.53
C PRO A 512 -4.70 -4.05 24.53
N LEU A 513 -5.41 -4.95 25.15
CA LEU A 513 -6.40 -4.57 26.11
C LEU A 513 -5.69 -4.57 27.46
N PRO A 514 -5.94 -3.56 28.28
CA PRO A 514 -5.33 -3.60 29.63
C PRO A 514 -5.90 -4.75 30.46
N PRO A 515 -5.11 -5.29 31.42
CA PRO A 515 -5.46 -6.60 32.04
C PRO A 515 -6.63 -6.68 33.00
N HIS A 516 -7.11 -5.54 33.47
CA HIS A 516 -8.32 -5.50 34.31
C HIS A 516 -9.60 -5.59 33.48
N HIS A 517 -9.46 -5.36 32.17
CA HIS A 517 -10.50 -5.72 31.22
C HIS A 517 -10.39 -7.07 30.52
N HIS A 518 -9.33 -7.83 30.81
CA HIS A 518 -9.25 -9.22 30.35
C HIS A 518 -10.39 -10.07 30.94
#